data_2EF7
#
_entry.id   2EF7
#
_cell.length_a   51.420
_cell.length_b   135.272
_cell.length_c   41.234
_cell.angle_alpha   90.00
_cell.angle_beta   90.00
_cell.angle_gamma   90.00
#
_symmetry.space_group_name_H-M   'P 21 21 2'
#
loop_
_entity.id
_entity.type
_entity.pdbx_description
1 polymer 'Hypothetical protein ST2348'
2 water water
#
_entity_poly.entity_id   1
_entity_poly.type   'polypeptide(L)'
_entity_poly.pdbx_seq_one_letter_code
;(MSE)EEEIVKEY(MSE)KTQVISVTKDAKLNDIAKV(MSE)TEKNIGSVIVVDGNKPVGIITERDIVKAIGKGKSLETK
AEEF(MSE)TASLITIREDSPITGALAL(MSE)RQFNIRHLPVVDDKGNLKGIISIRDITRAIDD(MSE)FET(MSE)GE
Y
;
_entity_poly.pdbx_strand_id   A,B
#
# COMPACT_ATOMS: atom_id res chain seq x y z
N GLU A 2 14.89 -21.35 -26.31
CA GLU A 2 15.62 -21.44 -25.04
C GLU A 2 14.77 -20.82 -23.93
N GLU A 3 15.12 -21.11 -22.68
CA GLU A 3 14.38 -20.56 -21.54
C GLU A 3 14.68 -19.08 -21.36
N GLU A 4 13.66 -18.30 -21.03
CA GLU A 4 13.86 -16.88 -20.76
C GLU A 4 14.43 -16.89 -19.34
N ILE A 5 15.21 -15.88 -18.96
CA ILE A 5 15.77 -15.88 -17.60
C ILE A 5 15.33 -14.65 -16.81
N VAL A 6 15.22 -14.83 -15.49
CA VAL A 6 14.81 -13.78 -14.55
C VAL A 6 15.40 -12.41 -14.84
N LYS A 7 16.72 -12.37 -15.00
CA LYS A 7 17.47 -11.15 -15.28
C LYS A 7 16.84 -10.25 -16.35
N GLU A 8 16.32 -10.84 -17.42
CA GLU A 8 15.71 -10.04 -18.50
C GLU A 8 14.30 -9.54 -18.22
N TYR A 9 13.68 -10.01 -17.13
CA TYR A 9 12.31 -9.57 -16.84
C TYR A 9 12.10 -8.94 -15.47
N LYS A 11 12.50 -6.25 -12.32
CA LYS A 11 12.53 -4.82 -12.21
C LYS A 11 13.82 -4.53 -11.47
N THR A 12 14.68 -3.74 -12.06
CA THR A 12 15.95 -3.39 -11.43
C THR A 12 15.86 -2.04 -10.72
N GLN A 13 16.98 -1.59 -10.16
CA GLN A 13 16.99 -0.31 -9.46
C GLN A 13 15.92 -0.28 -8.37
N VAL A 14 15.82 -1.35 -7.58
CA VAL A 14 14.83 -1.39 -6.51
C VAL A 14 15.41 -0.67 -5.31
N ILE A 15 14.57 -0.23 -4.40
CA ILE A 15 15.04 0.48 -3.22
C ILE A 15 15.12 -0.44 -2.02
N SER A 16 16.24 -0.36 -1.30
CA SER A 16 16.44 -1.17 -0.12
C SER A 16 16.94 -0.33 1.05
N VAL A 17 16.76 -0.84 2.27
CA VAL A 17 17.23 -0.17 3.47
C VAL A 17 17.90 -1.25 4.29
N THR A 18 18.86 -0.87 5.12
CA THR A 18 19.56 -1.85 5.93
C THR A 18 18.68 -2.31 7.07
N LYS A 19 18.97 -3.49 7.60
CA LYS A 19 18.17 -4.06 8.69
C LYS A 19 18.11 -3.25 9.98
N ASP A 20 18.97 -2.25 10.13
CA ASP A 20 18.93 -1.44 11.34
C ASP A 20 18.46 0.00 11.05
N ALA A 21 17.96 0.23 9.84
CA ALA A 21 17.45 1.54 9.45
C ALA A 21 16.25 1.85 10.34
N LYS A 22 16.08 3.12 10.72
CA LYS A 22 14.97 3.49 11.60
C LYS A 22 13.66 3.71 10.85
N LEU A 23 12.55 3.42 11.50
CA LEU A 23 11.25 3.57 10.89
C LEU A 23 11.07 4.92 10.22
N ASN A 24 11.37 6.01 10.93
CA ASN A 24 11.20 7.32 10.33
C ASN A 24 12.06 7.55 9.08
N ASP A 25 13.27 7.02 9.07
CA ASP A 25 14.13 7.22 7.89
C ASP A 25 13.58 6.41 6.71
N ILE A 26 13.07 5.22 7.02
CA ILE A 26 12.50 4.36 5.98
C ILE A 26 11.26 5.03 5.40
N ALA A 27 10.42 5.59 6.27
CA ALA A 27 9.21 6.24 5.80
C ALA A 27 9.62 7.42 4.91
N LYS A 28 10.71 8.06 5.28
CA LYS A 28 11.18 9.20 4.51
C LYS A 28 11.60 8.76 3.11
N VAL A 29 12.26 7.61 3.00
CA VAL A 29 12.70 7.13 1.70
C VAL A 29 11.51 6.81 0.80
N THR A 31 8.55 7.92 1.03
CA THR A 31 7.82 9.14 0.72
C THR A 31 8.54 9.91 -0.39
N GLU A 32 9.87 10.03 -0.28
CA GLU A 32 10.65 10.76 -1.27
C GLU A 32 10.84 10.05 -2.59
N LYS A 33 10.76 8.72 -2.58
CA LYS A 33 10.90 7.92 -3.79
C LYS A 33 9.51 7.55 -4.31
N ASN A 34 8.48 7.88 -3.53
CA ASN A 34 7.11 7.58 -3.88
C ASN A 34 6.93 6.10 -4.22
N ILE A 35 7.28 5.23 -3.27
CA ILE A 35 7.14 3.79 -3.46
C ILE A 35 6.35 3.20 -2.29
N GLY A 36 5.75 2.03 -2.49
CA GLY A 36 4.97 1.40 -1.44
C GLY A 36 5.63 0.33 -0.60
N SER A 37 6.92 0.09 -0.83
CA SER A 37 7.65 -0.92 -0.07
C SER A 37 9.15 -0.87 -0.40
N VAL A 38 9.96 -1.44 0.48
CA VAL A 38 11.39 -1.48 0.26
C VAL A 38 11.89 -2.84 0.71
N ILE A 39 13.00 -3.27 0.13
CA ILE A 39 13.61 -4.53 0.51
C ILE A 39 14.53 -4.22 1.67
N VAL A 40 14.52 -5.07 2.70
CA VAL A 40 15.43 -4.86 3.81
C VAL A 40 16.63 -5.78 3.53
N VAL A 41 17.85 -5.22 3.59
CA VAL A 41 19.03 -6.01 3.34
C VAL A 41 19.98 -6.04 4.53
N ASP A 42 20.77 -7.10 4.57
CA ASP A 42 21.77 -7.34 5.58
C ASP A 42 23.02 -7.47 4.72
N GLY A 43 23.82 -6.41 4.65
CA GLY A 43 25.01 -6.44 3.83
C GLY A 43 24.70 -6.81 2.37
N ASN A 44 23.75 -6.09 1.77
CA ASN A 44 23.33 -6.32 0.38
C ASN A 44 22.44 -7.53 0.16
N LYS A 45 22.28 -8.37 1.17
CA LYS A 45 21.46 -9.56 1.01
C LYS A 45 20.06 -9.35 1.59
N PRO A 46 19.01 -9.66 0.81
CA PRO A 46 17.60 -9.52 1.20
C PRO A 46 17.25 -10.35 2.43
N VAL A 47 16.68 -9.71 3.46
CA VAL A 47 16.26 -10.43 4.66
C VAL A 47 14.79 -10.19 4.96
N GLY A 48 14.15 -9.35 4.15
CA GLY A 48 12.75 -9.06 4.37
C GLY A 48 12.22 -7.95 3.51
N ILE A 49 11.02 -7.49 3.84
CA ILE A 49 10.38 -6.42 3.11
C ILE A 49 9.50 -5.60 4.04
N ILE A 50 9.44 -4.29 3.79
CA ILE A 50 8.62 -3.38 4.58
C ILE A 50 7.65 -2.70 3.62
N THR A 51 6.36 -2.87 3.87
CA THR A 51 5.33 -2.24 3.03
C THR A 51 4.73 -1.11 3.85
N GLU A 52 3.92 -0.29 3.20
CA GLU A 52 3.28 0.82 3.91
C GLU A 52 2.48 0.27 5.07
N ARG A 53 1.86 -0.88 4.86
CA ARG A 53 1.05 -1.52 5.90
C ARG A 53 1.90 -1.95 7.08
N ASP A 54 3.11 -2.44 6.81
CA ASP A 54 3.98 -2.86 7.89
C ASP A 54 4.31 -1.67 8.76
N ILE A 55 4.49 -0.51 8.12
CA ILE A 55 4.79 0.70 8.87
C ILE A 55 3.61 1.09 9.74
N VAL A 56 2.41 1.12 9.15
CA VAL A 56 1.22 1.50 9.89
C VAL A 56 0.96 0.53 11.03
N LYS A 57 1.19 -0.74 10.77
CA LYS A 57 0.97 -1.77 11.78
C LYS A 57 1.90 -1.53 12.98
N ALA A 58 3.18 -1.27 12.72
CA ALA A 58 4.12 -1.05 13.81
C ALA A 58 3.73 0.16 14.64
N ILE A 59 3.25 1.22 13.99
CA ILE A 59 2.83 2.43 14.70
C ILE A 59 1.60 2.09 15.52
N GLY A 60 0.67 1.36 14.92
CA GLY A 60 -0.53 0.98 15.62
C GLY A 60 -0.24 0.10 16.81
N LYS A 61 0.97 -0.46 16.86
CA LYS A 61 1.36 -1.32 17.97
C LYS A 61 2.23 -0.54 18.95
N GLY A 62 2.26 0.79 18.80
CA GLY A 62 3.01 1.63 19.71
C GLY A 62 4.52 1.75 19.53
N LYS A 63 5.05 1.26 18.42
CA LYS A 63 6.50 1.35 18.18
C LYS A 63 6.87 2.79 17.92
N SER A 64 8.08 3.18 18.34
CA SER A 64 8.55 4.55 18.14
C SER A 64 9.15 4.74 16.76
N LEU A 65 9.49 5.99 16.48
CA LEU A 65 10.07 6.38 15.19
C LEU A 65 11.49 5.84 15.01
N GLU A 66 12.11 5.41 16.09
CA GLU A 66 13.48 4.87 16.02
C GLU A 66 13.53 3.35 15.82
N THR A 67 12.37 2.71 15.78
CA THR A 67 12.32 1.26 15.63
C THR A 67 13.09 0.80 14.39
N LYS A 68 13.98 -0.18 14.57
CA LYS A 68 14.78 -0.69 13.47
C LYS A 68 13.98 -1.53 12.49
N ALA A 69 14.39 -1.51 11.23
CA ALA A 69 13.72 -2.25 10.17
C ALA A 69 13.45 -3.71 10.53
N GLU A 70 14.48 -4.42 10.97
CA GLU A 70 14.32 -5.84 11.28
C GLU A 70 13.28 -6.13 12.35
N GLU A 71 12.88 -5.14 13.13
CA GLU A 71 11.90 -5.36 14.19
C GLU A 71 10.44 -5.35 13.73
N PHE A 72 10.16 -4.82 12.53
CA PHE A 72 8.78 -4.75 12.09
C PHE A 72 8.55 -5.12 10.64
N THR A 74 8.49 -7.66 7.24
CA THR A 74 7.91 -8.98 7.03
C THR A 74 9.19 -9.76 6.71
N ALA A 75 9.58 -10.68 7.59
CA ALA A 75 10.79 -11.46 7.38
C ALA A 75 10.64 -12.45 6.25
N SER A 76 11.69 -12.56 5.44
CA SER A 76 11.70 -13.50 4.31
C SER A 76 13.08 -13.66 3.70
N LEU A 77 13.48 -14.90 3.51
CA LEU A 77 14.78 -15.20 2.93
C LEU A 77 14.62 -15.86 1.57
N ILE A 78 13.37 -16.00 1.12
CA ILE A 78 13.10 -16.62 -0.18
C ILE A 78 13.62 -15.70 -1.29
N THR A 79 14.51 -16.22 -2.14
CA THR A 79 15.06 -15.43 -3.23
C THR A 79 15.28 -16.33 -4.45
N ILE A 80 15.53 -15.71 -5.60
CA ILE A 80 15.79 -16.43 -6.83
C ILE A 80 16.99 -15.76 -7.52
N ARG A 81 17.90 -16.56 -8.09
CA ARG A 81 19.05 -16.01 -8.78
C ARG A 81 18.64 -15.38 -10.11
N GLU A 82 19.33 -14.32 -10.52
CA GLU A 82 19.01 -13.64 -11.77
C GLU A 82 19.28 -14.51 -12.99
N ASP A 83 20.16 -15.49 -12.84
CA ASP A 83 20.48 -16.38 -13.95
C ASP A 83 19.45 -17.50 -14.07
N SER A 84 18.49 -17.55 -13.15
CA SER A 84 17.46 -18.59 -13.17
C SER A 84 16.47 -18.46 -14.32
N PRO A 85 15.99 -19.61 -14.82
CA PRO A 85 15.01 -19.59 -15.92
C PRO A 85 13.71 -19.05 -15.30
N ILE A 86 12.90 -18.41 -16.13
CA ILE A 86 11.63 -17.84 -15.71
C ILE A 86 10.78 -18.82 -14.89
N THR A 87 10.62 -20.03 -15.40
CA THR A 87 9.80 -21.02 -14.73
C THR A 87 10.33 -21.40 -13.36
N GLY A 88 11.63 -21.18 -13.15
CA GLY A 88 12.20 -21.48 -11.86
C GLY A 88 11.61 -20.52 -10.84
N ALA A 89 11.55 -19.24 -11.21
CA ALA A 89 10.97 -18.23 -10.34
C ALA A 89 9.50 -18.59 -10.10
N LEU A 90 8.84 -19.06 -11.15
CA LEU A 90 7.44 -19.45 -11.07
C LEU A 90 7.24 -20.60 -10.07
N ALA A 91 8.10 -21.60 -10.15
CA ALA A 91 7.97 -22.73 -9.25
C ALA A 91 8.15 -22.30 -7.80
N LEU A 92 9.04 -21.33 -7.56
CA LEU A 92 9.29 -20.86 -6.21
C LEU A 92 8.10 -20.04 -5.70
N ARG A 94 4.89 -20.34 -6.60
CA ARG A 94 3.80 -21.26 -6.32
C ARG A 94 4.06 -21.97 -4.99
N GLN A 95 5.27 -22.50 -4.84
CA GLN A 95 5.64 -23.21 -3.62
C GLN A 95 5.40 -22.41 -2.35
N PHE A 96 5.69 -21.11 -2.39
CA PHE A 96 5.53 -20.25 -1.23
C PHE A 96 4.32 -19.32 -1.30
N ASN A 97 3.46 -19.56 -2.28
CA ASN A 97 2.25 -18.77 -2.49
C ASN A 97 2.51 -17.27 -2.39
N ILE A 98 3.48 -16.78 -3.15
CA ILE A 98 3.82 -15.35 -3.16
C ILE A 98 3.93 -14.80 -4.58
N ARG A 99 3.58 -13.53 -4.74
CA ARG A 99 3.57 -12.84 -6.02
C ARG A 99 4.86 -12.11 -6.41
N HIS A 100 5.75 -11.90 -5.46
CA HIS A 100 7.00 -11.20 -5.75
C HIS A 100 8.19 -11.91 -5.12
N LEU A 101 9.34 -11.80 -5.76
CA LEU A 101 10.56 -12.44 -5.27
C LEU A 101 11.79 -11.57 -5.44
N PRO A 102 12.55 -11.36 -4.35
CA PRO A 102 13.76 -10.55 -4.49
C PRO A 102 14.69 -11.37 -5.39
N VAL A 103 15.48 -10.71 -6.22
CA VAL A 103 16.38 -11.43 -7.11
C VAL A 103 17.81 -11.10 -6.67
N VAL A 104 18.66 -12.11 -6.55
CA VAL A 104 20.05 -11.88 -6.15
C VAL A 104 21.03 -12.41 -7.20
N ASP A 105 22.29 -12.00 -7.09
CA ASP A 105 23.29 -12.50 -8.03
C ASP A 105 23.88 -13.75 -7.39
N ASP A 106 24.87 -14.36 -8.05
CA ASP A 106 25.51 -15.57 -7.55
C ASP A 106 26.12 -15.43 -6.15
N LYS A 107 26.41 -14.21 -5.73
CA LYS A 107 26.98 -13.99 -4.40
C LYS A 107 25.91 -13.70 -3.35
N GLY A 108 24.65 -13.67 -3.78
CA GLY A 108 23.56 -13.42 -2.87
C GLY A 108 23.10 -11.98 -2.70
N ASN A 109 23.73 -11.06 -3.44
CA ASN A 109 23.41 -9.64 -3.36
C ASN A 109 22.19 -9.25 -4.17
N LEU A 110 21.39 -8.35 -3.61
CA LEU A 110 20.16 -7.86 -4.24
C LEU A 110 20.42 -7.22 -5.60
N LYS A 111 19.65 -7.62 -6.60
CA LYS A 111 19.79 -7.08 -7.97
C LYS A 111 18.46 -6.57 -8.52
N GLY A 112 17.35 -7.10 -8.02
CA GLY A 112 16.06 -6.66 -8.49
C GLY A 112 14.89 -7.41 -7.85
N ILE A 113 13.71 -7.23 -8.43
CA ILE A 113 12.48 -7.87 -7.96
C ILE A 113 11.73 -8.39 -9.18
N ILE A 114 11.26 -9.64 -9.12
CA ILE A 114 10.51 -10.27 -10.21
C ILE A 114 9.13 -10.62 -9.69
N SER A 115 8.09 -10.34 -10.47
CA SER A 115 6.73 -10.63 -10.03
C SER A 115 6.02 -11.59 -10.97
N ILE A 116 4.93 -12.17 -10.48
CA ILE A 116 4.15 -13.12 -11.26
C ILE A 116 3.71 -12.50 -12.59
N ARG A 117 3.50 -11.18 -12.61
CA ARG A 117 3.09 -10.53 -13.84
C ARG A 117 4.25 -10.48 -14.83
N ASP A 118 5.48 -10.40 -14.29
CA ASP A 118 6.65 -10.38 -15.14
C ASP A 118 6.75 -11.73 -15.84
N ILE A 119 6.36 -12.78 -15.11
CA ILE A 119 6.41 -14.15 -15.65
C ILE A 119 5.44 -14.36 -16.82
N THR A 120 4.19 -13.93 -16.66
CA THR A 120 3.22 -14.09 -17.74
C THR A 120 3.59 -13.23 -18.94
N ARG A 121 4.23 -12.08 -18.70
CA ARG A 121 4.63 -11.22 -19.81
C ARG A 121 5.72 -11.95 -20.59
N ALA A 122 6.61 -12.62 -19.87
CA ALA A 122 7.70 -13.37 -20.50
C ALA A 122 7.11 -14.53 -21.32
N ILE A 123 6.03 -15.12 -20.83
CA ILE A 123 5.40 -16.22 -21.56
C ILE A 123 4.82 -15.64 -22.83
N ASP A 124 4.05 -14.56 -22.70
CA ASP A 124 3.45 -13.91 -23.85
C ASP A 124 4.52 -13.52 -24.87
N ASP A 125 5.63 -12.98 -24.38
CA ASP A 125 6.72 -12.57 -25.25
C ASP A 125 7.24 -13.70 -26.13
N PHE A 127 6.08 -16.24 -27.02
CA PHE A 127 5.05 -16.84 -27.85
C PHE A 127 4.35 -15.83 -28.76
N GLU B 4 -24.19 -0.69 -13.00
CA GLU B 4 -23.47 -1.01 -11.73
C GLU B 4 -23.43 0.21 -10.82
N ILE B 5 -23.67 0.01 -9.53
CA ILE B 5 -23.69 1.12 -8.59
C ILE B 5 -22.59 1.07 -7.53
N VAL B 6 -22.29 2.24 -6.99
CA VAL B 6 -21.25 2.38 -5.96
C VAL B 6 -21.38 1.31 -4.87
N LYS B 7 -22.60 1.11 -4.40
CA LYS B 7 -22.85 0.14 -3.34
C LYS B 7 -22.30 -1.27 -3.56
N GLU B 8 -22.34 -1.74 -4.80
CA GLU B 8 -21.86 -3.07 -5.10
C GLU B 8 -20.34 -3.17 -5.22
N TYR B 9 -19.64 -2.04 -5.16
CA TYR B 9 -18.19 -2.08 -5.30
C TYR B 9 -17.42 -1.41 -4.18
N LYS B 11 -16.28 -0.42 -0.26
CA LYS B 11 -15.92 -1.25 0.87
C LYS B 11 -16.85 -0.78 1.99
N THR B 12 -17.65 -1.70 2.53
CA THR B 12 -18.57 -1.37 3.62
C THR B 12 -17.75 -0.91 4.81
N GLN B 13 -18.09 0.25 5.36
CA GLN B 13 -17.30 0.77 6.46
C GLN B 13 -17.97 1.99 7.09
N VAL B 14 -18.32 1.87 8.36
CA VAL B 14 -18.98 2.95 9.07
C VAL B 14 -18.07 3.61 10.09
N ILE B 15 -16.88 3.04 10.28
CA ILE B 15 -15.91 3.60 11.22
C ILE B 15 -15.22 4.82 10.61
N SER B 16 -14.90 5.78 11.45
CA SER B 16 -14.23 6.99 11.00
C SER B 16 -13.43 7.53 12.16
N VAL B 17 -12.76 8.66 11.97
CA VAL B 17 -11.98 9.27 13.03
C VAL B 17 -12.18 10.78 12.95
N THR B 18 -12.03 11.45 14.08
CA THR B 18 -12.20 12.90 14.11
C THR B 18 -10.97 13.64 13.61
N LYS B 19 -11.17 14.91 13.26
CA LYS B 19 -10.10 15.73 12.75
C LYS B 19 -8.99 15.97 13.77
N ASP B 20 -9.29 15.77 15.05
CA ASP B 20 -8.27 15.98 16.07
C ASP B 20 -7.62 14.66 16.55
N ALA B 21 -8.09 13.54 16.00
CA ALA B 21 -7.53 12.23 16.36
C ALA B 21 -6.03 12.16 16.09
N LYS B 22 -5.32 11.43 16.95
CA LYS B 22 -3.87 11.31 16.83
C LYS B 22 -3.43 10.22 15.83
N LEU B 23 -2.38 10.52 15.09
CA LEU B 23 -1.84 9.61 14.08
C LEU B 23 -1.62 8.20 14.62
N ASN B 24 -0.95 8.07 15.77
CA ASN B 24 -0.71 6.75 16.32
C ASN B 24 -2.04 6.05 16.66
N ASP B 25 -3.01 6.80 17.18
CA ASP B 25 -4.30 6.19 17.49
C ASP B 25 -5.00 5.77 16.19
N ILE B 26 -4.93 6.63 15.18
CA ILE B 26 -5.54 6.31 13.88
C ILE B 26 -4.93 5.00 13.39
N ALA B 27 -3.60 4.94 13.37
CA ALA B 27 -2.90 3.74 12.93
C ALA B 27 -3.39 2.51 13.70
N LYS B 28 -3.63 2.65 15.00
CA LYS B 28 -4.09 1.51 15.79
C LYS B 28 -5.48 1.05 15.35
N VAL B 29 -6.37 2.00 15.06
CA VAL B 29 -7.71 1.63 14.62
C VAL B 29 -7.62 0.83 13.31
N THR B 31 -5.28 -0.80 12.08
CA THR B 31 -4.62 -2.09 12.27
C THR B 31 -5.57 -3.14 12.85
N GLU B 32 -6.33 -2.74 13.87
CA GLU B 32 -7.26 -3.66 14.51
C GLU B 32 -8.47 -3.95 13.61
N LYS B 33 -8.98 -2.92 12.94
CA LYS B 33 -10.12 -3.10 12.05
C LYS B 33 -9.66 -3.68 10.71
N ASN B 34 -8.36 -3.73 10.49
CA ASN B 34 -7.77 -4.25 9.26
C ASN B 34 -8.23 -3.53 7.99
N ILE B 35 -8.03 -2.21 7.96
CA ILE B 35 -8.40 -1.40 6.81
C ILE B 35 -7.24 -0.51 6.35
N GLY B 36 -7.23 -0.17 5.06
CA GLY B 36 -6.17 0.64 4.51
C GLY B 36 -6.51 2.11 4.32
N SER B 37 -7.78 2.45 4.52
CA SER B 37 -8.21 3.84 4.36
C SER B 37 -9.31 4.14 5.37
N VAL B 38 -9.48 5.43 5.67
CA VAL B 38 -10.48 5.83 6.65
C VAL B 38 -10.93 7.28 6.48
N ILE B 39 -12.23 7.50 6.65
CA ILE B 39 -12.80 8.83 6.52
C ILE B 39 -12.63 9.66 7.78
N VAL B 40 -12.22 10.92 7.62
CA VAL B 40 -12.06 11.82 8.75
C VAL B 40 -13.31 12.70 8.73
N VAL B 41 -14.00 12.74 9.86
CA VAL B 41 -15.23 13.49 9.97
C VAL B 41 -15.10 14.64 10.96
N ASP B 42 -15.75 15.74 10.62
CA ASP B 42 -15.75 16.93 11.46
C ASP B 42 -17.01 16.88 12.28
N GLY B 43 -17.28 15.70 12.86
CA GLY B 43 -18.47 15.52 13.67
C GLY B 43 -19.66 15.05 12.86
N ASN B 44 -20.23 15.97 12.09
CA ASN B 44 -21.41 15.67 11.29
C ASN B 44 -21.10 15.16 9.88
N LYS B 45 -20.04 15.68 9.26
CA LYS B 45 -19.71 15.29 7.91
C LYS B 45 -18.23 14.97 7.64
N PRO B 46 -17.97 14.30 6.51
CA PRO B 46 -16.61 13.94 6.13
C PRO B 46 -15.89 15.22 5.75
N VAL B 47 -14.63 15.36 6.16
CA VAL B 47 -13.84 16.54 5.82
C VAL B 47 -12.52 16.11 5.19
N GLY B 48 -12.26 14.80 5.22
CA GLY B 48 -11.03 14.29 4.65
C GLY B 48 -10.94 12.77 4.63
N ILE B 49 -9.81 12.27 4.11
CA ILE B 49 -9.56 10.84 4.00
C ILE B 49 -8.12 10.54 4.43
N ILE B 50 -7.90 9.38 5.02
CA ILE B 50 -6.56 9.00 5.44
C ILE B 50 -6.33 7.56 5.03
N THR B 51 -5.25 7.35 4.27
CA THR B 51 -4.88 6.03 3.79
C THR B 51 -3.54 5.67 4.42
N GLU B 52 -3.12 4.42 4.23
CA GLU B 52 -1.84 3.99 4.76
C GLU B 52 -0.73 4.88 4.21
N ARG B 53 -0.84 5.25 2.93
CA ARG B 53 0.19 6.10 2.34
C ARG B 53 0.28 7.47 3.05
N ASP B 54 -0.87 8.05 3.42
CA ASP B 54 -0.85 9.36 4.10
C ASP B 54 -0.12 9.29 5.46
N ILE B 55 -0.23 8.15 6.13
CA ILE B 55 0.43 7.98 7.43
C ILE B 55 1.94 7.87 7.24
N VAL B 56 2.35 7.15 6.19
CA VAL B 56 3.77 6.98 5.91
C VAL B 56 4.35 8.32 5.46
N LYS B 57 3.60 9.01 4.61
CA LYS B 57 4.03 10.29 4.10
C LYS B 57 4.15 11.32 5.24
N ALA B 58 3.24 11.27 6.21
CA ALA B 58 3.26 12.21 7.33
C ALA B 58 4.55 12.03 8.13
N ILE B 59 4.87 10.78 8.41
CA ILE B 59 6.08 10.47 9.16
C ILE B 59 7.25 10.84 8.28
N GLY B 60 7.13 10.54 6.99
CA GLY B 60 8.18 10.84 6.02
C GLY B 60 8.48 12.32 5.87
N LYS B 61 7.54 13.19 6.25
CA LYS B 61 7.75 14.63 6.13
C LYS B 61 8.22 15.29 7.44
N GLY B 62 8.35 14.47 8.49
CA GLY B 62 8.82 14.98 9.77
C GLY B 62 7.78 15.10 10.87
N LYS B 63 6.53 14.77 10.57
CA LYS B 63 5.47 14.86 11.56
C LYS B 63 5.63 13.81 12.64
N SER B 64 5.07 14.07 13.83
CA SER B 64 5.17 13.16 14.95
C SER B 64 4.02 12.17 15.03
N LEU B 65 4.17 11.16 15.88
CA LEU B 65 3.15 10.15 16.07
C LEU B 65 1.90 10.72 16.73
N GLU B 66 2.00 11.96 17.21
CA GLU B 66 0.88 12.63 17.87
C GLU B 66 0.10 13.55 16.92
N THR B 67 0.62 13.76 15.71
CA THR B 67 -0.03 14.64 14.74
C THR B 67 -1.52 14.37 14.56
N LYS B 68 -2.32 15.43 14.57
CA LYS B 68 -3.75 15.31 14.41
C LYS B 68 -4.14 15.00 12.96
N ALA B 69 -5.22 14.25 12.80
CA ALA B 69 -5.73 13.85 11.50
C ALA B 69 -5.80 14.99 10.51
N GLU B 70 -6.45 16.08 10.88
CA GLU B 70 -6.59 17.22 9.97
C GLU B 70 -5.28 17.77 9.46
N GLU B 71 -4.18 17.46 10.14
CA GLU B 71 -2.89 17.97 9.69
C GLU B 71 -2.14 17.10 8.68
N PHE B 72 -2.67 15.91 8.36
CA PHE B 72 -1.97 15.06 7.39
C PHE B 72 -2.91 14.25 6.48
N THR B 74 -6.06 13.90 3.57
CA THR B 74 -6.30 14.55 2.29
C THR B 74 -7.63 15.26 2.54
N ALA B 75 -7.61 16.58 2.64
CA ALA B 75 -8.83 17.35 2.89
C ALA B 75 -9.77 17.22 1.71
N SER B 76 -11.06 16.96 1.99
CA SER B 76 -12.07 16.82 0.94
C SER B 76 -13.48 16.74 1.52
N LEU B 77 -14.43 17.48 0.94
CA LEU B 77 -15.81 17.49 1.43
C LEU B 77 -16.78 16.72 0.54
N ILE B 78 -16.37 16.41 -0.69
CA ILE B 78 -17.26 15.70 -1.60
C ILE B 78 -17.59 14.25 -1.20
N THR B 79 -18.84 13.85 -1.42
CA THR B 79 -19.28 12.50 -1.11
C THR B 79 -20.15 12.01 -2.25
N ILE B 80 -20.55 10.74 -2.18
CA ILE B 80 -21.41 10.18 -3.21
C ILE B 80 -22.39 9.21 -2.57
N ARG B 81 -23.56 9.05 -3.19
CA ARG B 81 -24.59 8.14 -2.70
C ARG B 81 -24.28 6.72 -3.12
N GLU B 82 -24.61 5.76 -2.28
CA GLU B 82 -24.33 4.36 -2.60
C GLU B 82 -25.15 3.85 -3.79
N ASP B 83 -26.24 4.55 -4.12
CA ASP B 83 -27.09 4.15 -5.23
C ASP B 83 -26.60 4.65 -6.60
N SER B 84 -25.68 5.61 -6.59
CA SER B 84 -25.13 6.20 -7.81
C SER B 84 -24.37 5.22 -8.69
N PRO B 85 -24.41 5.43 -10.02
CA PRO B 85 -23.70 4.55 -10.95
C PRO B 85 -22.20 4.74 -10.74
N ILE B 86 -21.40 3.68 -10.94
CA ILE B 86 -19.98 3.80 -10.72
C ILE B 86 -19.34 4.89 -11.58
N THR B 87 -19.85 5.07 -12.79
CA THR B 87 -19.30 6.10 -13.66
C THR B 87 -19.49 7.46 -13.02
N GLY B 88 -20.45 7.57 -12.11
CA GLY B 88 -20.70 8.82 -11.42
C GLY B 88 -19.59 9.05 -10.39
N ALA B 89 -19.11 7.97 -9.79
CA ALA B 89 -18.06 8.07 -8.81
C ALA B 89 -16.76 8.44 -9.53
N LEU B 90 -16.52 7.81 -10.66
CA LEU B 90 -15.33 8.07 -11.45
C LEU B 90 -15.22 9.55 -11.81
N ALA B 91 -16.33 10.14 -12.22
CA ALA B 91 -16.36 11.55 -12.62
C ALA B 91 -15.98 12.50 -11.47
N LEU B 92 -16.48 12.23 -10.28
CA LEU B 92 -16.19 13.06 -9.12
C LEU B 92 -14.71 12.93 -8.71
N ARG B 94 -12.25 12.28 -10.53
CA ARG B 94 -11.49 12.99 -11.56
C ARG B 94 -11.58 14.50 -11.36
N GLN B 95 -12.80 15.00 -11.25
CA GLN B 95 -13.04 16.43 -11.08
C GLN B 95 -12.43 16.99 -9.82
N PHE B 96 -12.46 16.23 -8.72
CA PHE B 96 -11.92 16.73 -7.45
C PHE B 96 -10.52 16.20 -7.14
N ASN B 97 -9.92 15.47 -8.08
CA ASN B 97 -8.58 14.92 -7.90
C ASN B 97 -8.39 14.09 -6.63
N ILE B 98 -9.20 13.05 -6.45
CA ILE B 98 -9.07 12.19 -5.27
C ILE B 98 -9.25 10.73 -5.66
N ARG B 99 -8.50 9.87 -4.96
CA ARG B 99 -8.55 8.44 -5.25
C ARG B 99 -9.58 7.68 -4.43
N HIS B 100 -10.20 8.35 -3.47
CA HIS B 100 -11.21 7.73 -2.60
C HIS B 100 -12.43 8.63 -2.40
N LEU B 101 -13.59 8.02 -2.23
CA LEU B 101 -14.82 8.78 -2.01
C LEU B 101 -15.63 8.23 -0.85
N PRO B 102 -15.97 9.09 0.12
CA PRO B 102 -16.76 8.54 1.22
C PRO B 102 -18.15 8.28 0.62
N VAL B 103 -18.75 7.15 0.96
CA VAL B 103 -20.07 6.82 0.44
C VAL B 103 -21.08 6.93 1.57
N VAL B 104 -22.16 7.69 1.34
CA VAL B 104 -23.21 7.88 2.33
C VAL B 104 -24.56 7.47 1.75
N ASP B 105 -25.60 7.49 2.59
CA ASP B 105 -26.94 7.14 2.13
C ASP B 105 -27.78 8.39 1.93
N ASP B 106 -29.05 8.20 1.59
CA ASP B 106 -29.98 9.30 1.36
C ASP B 106 -30.16 10.20 2.57
N LYS B 107 -29.67 9.75 3.72
CA LYS B 107 -29.77 10.51 4.96
C LYS B 107 -28.47 11.22 5.30
N GLY B 108 -27.38 10.71 4.75
CA GLY B 108 -26.08 11.31 5.02
C GLY B 108 -25.19 10.46 5.89
N ASN B 109 -25.72 9.36 6.40
CA ASN B 109 -24.93 8.47 7.25
C ASN B 109 -23.81 7.85 6.43
N LEU B 110 -22.63 7.76 7.03
CA LEU B 110 -21.46 7.18 6.36
C LEU B 110 -21.67 5.68 6.23
N LYS B 111 -21.68 5.17 5.00
CA LYS B 111 -21.88 3.75 4.75
C LYS B 111 -20.60 3.05 4.32
N GLY B 112 -19.82 3.69 3.47
CA GLY B 112 -18.61 3.06 3.02
C GLY B 112 -17.62 4.02 2.40
N ILE B 113 -16.69 3.45 1.65
CA ILE B 113 -15.67 4.21 0.99
C ILE B 113 -15.37 3.44 -0.29
N ILE B 114 -15.30 4.14 -1.41
CA ILE B 114 -15.01 3.51 -2.69
C ILE B 114 -13.78 4.20 -3.29
N SER B 115 -12.91 3.42 -3.91
CA SER B 115 -11.68 3.94 -4.51
C SER B 115 -11.56 3.65 -6.00
N ILE B 116 -10.59 4.29 -6.63
CA ILE B 116 -10.36 4.10 -8.06
C ILE B 116 -10.15 2.61 -8.38
N ARG B 117 -9.54 1.89 -7.45
CA ARG B 117 -9.28 0.46 -7.60
C ARG B 117 -10.58 -0.28 -7.81
N ASP B 118 -11.58 0.11 -7.03
CA ASP B 118 -12.89 -0.50 -7.11
C ASP B 118 -13.49 -0.19 -8.49
N ILE B 119 -13.30 1.03 -8.94
CA ILE B 119 -13.83 1.45 -10.23
C ILE B 119 -13.22 0.62 -11.37
N THR B 120 -11.89 0.58 -11.46
CA THR B 120 -11.26 -0.19 -12.53
C THR B 120 -11.64 -1.66 -12.39
N ARG B 121 -11.85 -2.11 -11.15
CA ARG B 121 -12.26 -3.49 -10.92
C ARG B 121 -13.62 -3.70 -11.57
N ALA B 122 -14.59 -2.88 -11.20
CA ALA B 122 -15.93 -3.00 -11.76
C ALA B 122 -15.84 -3.02 -13.28
N ILE B 123 -14.93 -2.21 -13.83
CA ILE B 123 -14.78 -2.19 -15.29
C ILE B 123 -14.30 -3.55 -15.76
N ASP B 124 -13.29 -4.11 -15.09
CA ASP B 124 -12.79 -5.42 -15.48
C ASP B 124 -13.89 -6.46 -15.52
N ASP B 125 -14.79 -6.42 -14.53
CA ASP B 125 -15.90 -7.38 -14.46
C ASP B 125 -16.91 -7.28 -15.59
N GLY B 131 -18.61 -8.57 -26.26
CA GLY B 131 -18.17 -9.19 -27.50
C GLY B 131 -16.94 -8.43 -27.96
N GLU B 132 -16.28 -8.90 -29.01
CA GLU B 132 -15.07 -8.22 -29.49
C GLU B 132 -15.36 -6.93 -30.27
#